data_5GYZ
#
_entry.id   5GYZ
#
_cell.length_a   73.443
_cell.length_b   73.443
_cell.length_c   96.070
_cell.angle_alpha   90.00
_cell.angle_beta   90.00
_cell.angle_gamma   90.00
#
_symmetry.space_group_name_H-M   'P 41'
#
loop_
_entity.id
_entity.type
_entity.pdbx_description
1 polymer 'Luciferin 4-monooxygenase'
2 non-polymer '(4S)-2-[6-(azepan-1-yl)-1,3-benzothiazol-2-yl]-4,5-dihydro-1,3-thiazole-4-carboxylic acid'
3 non-polymer 'ADENOSINE MONOPHOSPHATE'
4 non-polymer DI(HYDROXYETHYL)ETHER
5 non-polymer GLYCEROL
6 water water
#
_entity_poly.entity_id   1
_entity_poly.type   'polypeptide(L)'
_entity_poly.pdbx_seq_one_letter_code
;AKNIKKGPAPFYPLEDGTAGEQLHKAMKRYALVPGTIAFTDAHIEVNITYAEYFEMSVRLAEAMKRYGLNTNHRIVVCSE
NSLQFFMPVLGALFIGVAVAPANDIYNERELLNSMNISQPTVVFVSKKGLQKILNVQKKLPIIQKIIIMDSKTDYQGFQS
MYTFVTSHLPPGFNEYDFVPESFDRDKTIALIMNSSGSTGLPKGVALPHRTACVRFSHARDPIFGNQIIPDTAILSVVPF
HHGFGMFTTLGYLICGFRVVLMYRFEEELFLRSLQDYKIQSALLVPTLFSFFAKSTLIDKYDLSNLHEIASGGAPLSKEV
GEAVAKRFHLPGIRQGYGLTETTSAILITPEGDDKPGAVGKVVPFFEAKVVDLDTGKTLGVNQRGELCVRGPMIMSGYVN
NPEATNALIDKDGWLHSGDIAYWDEDEHFFIVDRL
;
_entity_poly.pdbx_strand_id   A
#
# COMPACT_ATOMS: atom_id res chain seq x y z
N ALA A 1 9.70 -4.61 31.60
CA ALA A 1 9.85 -4.20 30.20
C ALA A 1 10.66 -5.23 29.43
N LYS A 2 11.11 -6.26 30.17
CA LYS A 2 11.82 -7.39 29.57
C LYS A 2 11.01 -8.03 28.44
N ASN A 3 9.69 -7.94 28.51
CA ASN A 3 8.78 -8.65 27.62
C ASN A 3 8.14 -7.74 26.57
N ILE A 4 8.45 -6.44 26.58
CA ILE A 4 8.08 -5.56 25.47
C ILE A 4 9.13 -5.69 24.37
N LYS A 5 8.71 -6.17 23.21
CA LYS A 5 9.62 -6.30 22.08
C LYS A 5 9.76 -4.98 21.33
N LYS A 6 11.00 -4.58 21.09
CA LYS A 6 11.28 -3.25 20.53
C LYS A 6 11.81 -3.37 19.12
N GLY A 7 11.41 -2.42 18.28
CA GLY A 7 11.93 -2.33 16.94
C GLY A 7 13.33 -1.77 16.90
N PRO A 8 14.19 -2.36 16.06
CA PRO A 8 15.58 -1.90 15.92
C PRO A 8 15.68 -0.46 15.45
N ALA A 9 16.91 0.02 15.31
CA ALA A 9 17.10 1.37 14.78
C ALA A 9 16.93 1.34 13.26
N PRO A 10 16.25 2.34 12.67
CA PRO A 10 16.18 2.41 11.21
C PRO A 10 17.56 2.70 10.66
N PHE A 11 17.90 2.05 9.55
CA PHE A 11 19.19 2.28 8.95
C PHE A 11 19.35 3.75 8.55
N TYR A 12 18.28 4.34 7.99
CA TYR A 12 18.24 5.77 7.72
C TYR A 12 17.24 6.48 8.64
N PRO A 13 17.60 7.63 9.20
CA PRO A 13 16.64 8.38 10.01
C PRO A 13 15.43 8.80 9.21
N LEU A 14 14.35 9.08 9.92
CA LEU A 14 13.07 9.40 9.32
C LEU A 14 13.12 10.82 8.77
N GLU A 15 13.00 10.97 7.44
CA GLU A 15 13.09 12.29 6.81
C GLU A 15 11.94 13.20 7.23
N ASP A 16 12.17 14.49 7.05
CA ASP A 16 11.18 15.52 7.33
C ASP A 16 10.28 15.71 6.13
N GLY A 17 9.21 16.46 6.33
CA GLY A 17 8.28 16.76 5.27
C GLY A 17 7.15 15.75 5.13
N THR A 18 6.14 16.14 4.37
CA THR A 18 4.97 15.31 4.20
C THR A 18 5.31 14.09 3.34
N ALA A 19 4.35 13.18 3.24
CA ALA A 19 4.56 12.02 2.39
C ALA A 19 4.58 12.42 0.92
N GLY A 20 3.79 13.44 0.56
CA GLY A 20 3.85 14.00 -0.79
C GLY A 20 5.18 14.64 -1.11
N GLU A 21 5.77 15.36 -0.16
CA GLU A 21 7.09 15.94 -0.38
C GLU A 21 8.15 14.86 -0.59
N GLN A 22 8.11 13.79 0.21
CA GLN A 22 9.11 12.73 0.09
C GLN A 22 8.95 11.97 -1.24
N LEU A 23 7.70 11.70 -1.65
CA LEU A 23 7.45 11.03 -2.93
C LEU A 23 7.84 11.94 -4.09
N HIS A 24 7.44 13.21 -4.02
CA HIS A 24 7.78 14.18 -5.05
C HIS A 24 9.29 14.30 -5.21
N LYS A 25 10.02 14.41 -4.08
CA LYS A 25 11.47 14.54 -4.15
C LYS A 25 12.11 13.37 -4.90
N ALA A 26 11.72 12.15 -4.54
CA ALA A 26 12.40 11.00 -5.09
C ALA A 26 11.99 10.72 -6.52
N MET A 27 10.70 10.92 -6.84
CA MET A 27 10.24 10.65 -8.20
C MET A 27 10.78 11.67 -9.19
N LYS A 28 11.00 12.91 -8.76
CA LYS A 28 11.68 13.89 -9.61
C LYS A 28 13.10 13.43 -9.94
N ARG A 29 13.82 12.93 -8.93
CA ARG A 29 15.15 12.40 -9.18
C ARG A 29 15.13 11.27 -10.20
N TYR A 30 14.16 10.36 -10.08
CA TYR A 30 14.10 9.27 -11.06
C TYR A 30 13.59 9.77 -12.41
N ALA A 31 12.72 10.78 -12.40
CA ALA A 31 12.23 11.36 -13.65
C ALA A 31 13.38 11.88 -14.51
N LEU A 32 14.46 12.33 -13.88
CA LEU A 32 15.56 12.96 -14.61
C LEU A 32 16.51 11.95 -15.23
N VAL A 33 16.35 10.66 -14.93
CA VAL A 33 17.03 9.61 -15.68
C VAL A 33 16.08 9.06 -16.75
N PRO A 34 16.24 9.43 -18.02
CA PRO A 34 15.31 8.92 -19.04
C PRO A 34 15.27 7.41 -19.05
N GLY A 35 14.06 6.87 -19.23
CA GLY A 35 13.88 5.45 -19.41
C GLY A 35 13.79 4.64 -18.13
N THR A 36 13.75 5.30 -16.97
CA THR A 36 13.55 4.59 -15.73
C THR A 36 12.09 4.19 -15.61
N ILE A 37 11.83 2.88 -15.55
CA ILE A 37 10.47 2.36 -15.61
C ILE A 37 9.89 2.39 -14.20
N ALA A 38 8.68 2.95 -14.08
CA ALA A 38 7.90 2.95 -12.84
C ALA A 38 6.91 1.79 -12.79
N PHE A 39 6.08 1.64 -13.83
CA PHE A 39 5.11 0.56 -13.88
C PHE A 39 5.15 -0.11 -15.24
N THR A 40 5.01 -1.43 -15.20
CA THR A 40 4.80 -2.25 -16.38
C THR A 40 3.52 -3.03 -16.17
N ASP A 41 2.67 -3.04 -17.19
CA ASP A 41 1.43 -3.79 -17.17
C ASP A 41 1.68 -5.09 -17.92
N ALA A 42 1.68 -6.23 -17.20
CA ALA A 42 2.06 -7.50 -17.82
C ALA A 42 1.04 -7.96 -18.85
N HIS A 43 -0.23 -7.57 -18.70
CA HIS A 43 -1.26 -7.93 -19.68
C HIS A 43 -1.07 -7.20 -21.01
N ILE A 44 -0.90 -5.87 -20.97
CA ILE A 44 -0.82 -5.12 -22.21
C ILE A 44 0.62 -4.78 -22.59
N GLU A 45 1.58 -5.08 -21.72
CA GLU A 45 3.03 -5.02 -21.97
C GLU A 45 3.58 -3.60 -22.06
N VAL A 46 2.80 -2.59 -21.69
CA VAL A 46 3.20 -1.19 -21.81
C VAL A 46 3.99 -0.79 -20.56
N ASN A 47 5.09 -0.07 -20.76
CA ASN A 47 5.82 0.54 -19.66
C ASN A 47 5.51 2.03 -19.59
N ILE A 48 5.45 2.56 -18.37
CA ILE A 48 5.42 4.00 -18.13
C ILE A 48 6.61 4.37 -17.26
N THR A 49 7.33 5.44 -17.65
CA THR A 49 8.57 5.82 -17.00
C THR A 49 8.31 6.77 -15.83
N TYR A 50 9.34 6.95 -15.00
CA TYR A 50 9.24 7.90 -13.89
C TYR A 50 9.03 9.32 -14.40
N ALA A 51 9.64 9.67 -15.53
CA ALA A 51 9.40 11.00 -16.09
C ALA A 51 7.93 11.16 -16.48
N GLU A 52 7.37 10.19 -17.20
CA GLU A 52 5.95 10.26 -17.54
C GLU A 52 5.10 10.32 -16.28
N TYR A 53 5.46 9.50 -15.29
CA TYR A 53 4.65 9.39 -14.07
C TYR A 53 4.75 10.67 -13.23
N PHE A 54 5.98 11.15 -13.03
CA PHE A 54 6.17 12.38 -12.26
C PHE A 54 5.41 13.55 -12.87
N GLU A 55 5.55 13.74 -14.19
CA GLU A 55 4.96 14.91 -14.84
C GLU A 55 3.44 14.85 -14.79
N MET A 56 2.84 13.68 -15.01
CA MET A 56 1.39 13.64 -14.99
C MET A 56 0.85 13.78 -13.57
N SER A 57 1.58 13.27 -12.58
CA SER A 57 1.14 13.45 -11.20
C SER A 57 1.22 14.92 -10.78
N VAL A 58 2.33 15.59 -11.10
CA VAL A 58 2.48 17.00 -10.83
C VAL A 58 1.38 17.82 -11.52
N ARG A 59 1.06 17.48 -12.77
CA ARG A 59 -0.01 18.17 -13.48
C ARG A 59 -1.35 17.97 -12.81
N LEU A 60 -1.60 16.73 -12.33
CA LEU A 60 -2.87 16.43 -11.63
C LEU A 60 -2.97 17.16 -10.30
N ALA A 61 -1.86 17.20 -9.55
CA ALA A 61 -1.79 17.99 -8.32
C ALA A 61 -2.20 19.45 -8.56
N GLU A 62 -1.51 20.12 -9.49
CA GLU A 62 -1.79 21.53 -9.74
C GLU A 62 -3.20 21.72 -10.27
N ALA A 63 -3.65 20.83 -11.16
CA ALA A 63 -5.00 20.96 -11.68
C ALA A 63 -6.02 20.81 -10.56
N MET A 64 -5.79 19.87 -9.62
CA MET A 64 -6.71 19.70 -8.50
C MET A 64 -6.69 20.90 -7.56
N LYS A 65 -5.51 21.52 -7.40
CA LYS A 65 -5.38 22.75 -6.62
C LYS A 65 -6.14 23.90 -7.28
N ARG A 66 -5.91 24.13 -8.57
CA ARG A 66 -6.63 25.22 -9.25
C ARG A 66 -8.12 24.95 -9.31
N TYR A 67 -8.52 23.68 -9.21
CA TYR A 67 -9.93 23.34 -9.18
C TYR A 67 -10.57 23.79 -7.88
N GLY A 68 -9.82 23.71 -6.78
CA GLY A 68 -10.36 24.05 -5.48
C GLY A 68 -10.16 23.03 -4.37
N LEU A 69 -9.58 21.86 -4.66
CA LEU A 69 -9.38 20.86 -3.62
C LEU A 69 -8.21 21.22 -2.69
N ASN A 70 -8.42 21.06 -1.39
CA ASN A 70 -7.38 21.32 -0.39
C ASN A 70 -7.54 20.28 0.70
N THR A 71 -6.97 20.54 1.89
CA THR A 71 -6.97 19.56 2.96
C THR A 71 -8.37 19.25 3.48
N ASN A 72 -9.35 20.12 3.19
CA ASN A 72 -10.72 19.85 3.59
C ASN A 72 -11.47 18.94 2.61
N HIS A 73 -10.78 18.40 1.60
CA HIS A 73 -11.45 17.59 0.59
C HIS A 73 -10.85 16.18 0.52
N ARG A 74 -11.65 15.29 -0.04
CA ARG A 74 -11.21 13.92 -0.29
C ARG A 74 -11.54 13.55 -1.73
N ILE A 75 -10.66 12.79 -2.37
CA ILE A 75 -10.99 12.12 -3.62
C ILE A 75 -11.12 10.62 -3.40
N VAL A 76 -11.86 9.99 -4.30
CA VAL A 76 -11.92 8.54 -4.41
C VAL A 76 -11.18 8.15 -5.69
N VAL A 77 -10.33 7.14 -5.58
CA VAL A 77 -9.78 6.45 -6.74
C VAL A 77 -10.40 5.05 -6.80
N CYS A 78 -11.22 4.82 -7.82
CA CYS A 78 -11.95 3.56 -7.97
C CYS A 78 -11.50 2.93 -9.27
N SER A 79 -10.66 1.91 -9.17
CA SER A 79 -10.07 1.31 -10.35
C SER A 79 -9.31 0.07 -9.92
N GLU A 80 -9.37 -0.96 -10.76
CA GLU A 80 -8.47 -2.07 -10.59
C GLU A 80 -7.04 -1.60 -10.84
N ASN A 81 -6.08 -2.36 -10.33
CA ASN A 81 -4.69 -2.10 -10.60
C ASN A 81 -4.48 -1.79 -12.08
N SER A 82 -3.77 -0.68 -12.34
CA SER A 82 -3.52 -0.27 -13.71
C SER A 82 -2.32 0.65 -13.74
N LEU A 83 -1.85 0.95 -14.95
CA LEU A 83 -0.80 1.96 -15.11
C LEU A 83 -1.22 3.30 -14.52
N GLN A 84 -2.50 3.63 -14.56
CA GLN A 84 -2.95 4.98 -14.18
C GLN A 84 -3.23 5.13 -12.69
N PHE A 85 -3.35 4.04 -11.93
CA PHE A 85 -3.95 4.08 -10.60
C PHE A 85 -3.28 5.12 -9.71
N PHE A 86 -1.96 5.14 -9.67
CA PHE A 86 -1.28 5.99 -8.73
C PHE A 86 -1.11 7.44 -9.20
N MET A 87 -1.46 7.78 -10.45
CA MET A 87 -1.40 9.19 -10.86
C MET A 87 -2.24 10.08 -9.96
N PRO A 88 -3.57 9.88 -9.84
CA PRO A 88 -4.35 10.77 -8.96
C PRO A 88 -3.99 10.60 -7.50
N VAL A 89 -3.51 9.42 -7.11
CA VAL A 89 -3.08 9.17 -5.73
C VAL A 89 -1.90 10.08 -5.39
N LEU A 90 -0.85 10.05 -6.23
CA LEU A 90 0.31 10.91 -6.03
C LEU A 90 -0.09 12.39 -6.13
N GLY A 91 -0.84 12.76 -7.17
CA GLY A 91 -1.27 14.15 -7.31
C GLY A 91 -1.96 14.68 -6.06
N ALA A 92 -2.79 13.85 -5.44
CA ALA A 92 -3.49 14.35 -4.26
C ALA A 92 -2.59 14.38 -3.03
N LEU A 93 -1.64 13.46 -2.90
CA LEU A 93 -0.69 13.56 -1.80
C LEU A 93 0.17 14.83 -1.93
N PHE A 94 0.45 15.26 -3.17
CA PHE A 94 1.29 16.44 -3.35
C PHE A 94 0.64 17.69 -2.75
N ILE A 95 -0.68 17.73 -2.65
CA ILE A 95 -1.39 18.93 -2.23
C ILE A 95 -2.22 18.71 -0.98
N GLY A 96 -1.98 17.62 -0.25
CA GLY A 96 -2.67 17.38 1.00
C GLY A 96 -4.13 17.07 0.88
N VAL A 97 -4.59 16.57 -0.25
CA VAL A 97 -5.94 16.05 -0.40
C VAL A 97 -5.92 14.58 -0.04
N ALA A 98 -6.89 14.15 0.77
CA ALA A 98 -6.95 12.78 1.22
C ALA A 98 -7.50 11.89 0.13
N VAL A 99 -6.98 10.66 0.06
CA VAL A 99 -7.29 9.70 -1.01
C VAL A 99 -7.99 8.50 -0.41
N ALA A 100 -9.16 8.16 -0.94
CA ALA A 100 -9.93 7.00 -0.50
C ALA A 100 -9.94 5.95 -1.60
N PRO A 101 -9.09 4.95 -1.55
CA PRO A 101 -9.13 3.90 -2.57
C PRO A 101 -10.39 3.08 -2.44
N ALA A 102 -11.09 2.91 -3.56
CA ALA A 102 -12.35 2.17 -3.58
C ALA A 102 -12.20 0.92 -4.44
N ASN A 103 -12.82 -0.16 -3.94
CA ASN A 103 -12.55 -1.55 -4.30
C ASN A 103 -13.22 -1.85 -5.64
N ASP A 104 -12.68 -1.21 -6.69
CA ASP A 104 -12.98 -1.31 -8.13
C ASP A 104 -14.08 -2.26 -8.65
N ILE A 105 -14.26 -3.40 -7.98
CA ILE A 105 -15.17 -4.44 -8.42
C ILE A 105 -16.23 -4.75 -7.36
N TYR A 106 -16.13 -4.13 -6.17
CA TYR A 106 -17.24 -3.95 -5.23
C TYR A 106 -18.55 -3.77 -5.97
N ASN A 107 -19.61 -4.41 -5.50
CA ASN A 107 -20.93 -4.11 -6.02
C ASN A 107 -21.35 -2.70 -5.56
N GLU A 108 -22.36 -2.14 -6.24
CA GLU A 108 -22.85 -0.79 -5.93
C GLU A 108 -23.02 -0.56 -4.45
N ARG A 109 -23.45 -1.58 -3.71
CA ARG A 109 -23.78 -1.39 -2.32
C ARG A 109 -22.53 -1.09 -1.49
N GLU A 110 -21.47 -1.89 -1.65
CA GLU A 110 -20.26 -1.68 -0.87
C GLU A 110 -19.51 -0.42 -1.33
N LEU A 111 -19.67 -0.04 -2.61
CA LEU A 111 -19.13 1.22 -3.07
C LEU A 111 -19.80 2.38 -2.35
N LEU A 112 -21.14 2.35 -2.29
CA LEU A 112 -21.89 3.39 -1.58
C LEU A 112 -21.46 3.48 -0.13
N ASN A 113 -21.25 2.34 0.52
CA ASN A 113 -20.93 2.34 1.94
C ASN A 113 -19.53 2.86 2.20
N SER A 114 -18.55 2.43 1.39
CA SER A 114 -17.21 2.99 1.48
C SER A 114 -17.21 4.50 1.26
N MET A 115 -17.93 4.96 0.23
CA MET A 115 -17.90 6.36 -0.17
C MET A 115 -18.81 7.24 0.71
N ASN A 116 -19.81 6.65 1.36
CA ASN A 116 -20.58 7.44 2.31
C ASN A 116 -19.72 7.88 3.49
N ILE A 117 -18.77 7.03 3.88
CA ILE A 117 -17.85 7.40 4.94
C ILE A 117 -16.87 8.45 4.46
N SER A 118 -16.36 8.30 3.23
CA SER A 118 -15.24 9.11 2.77
C SER A 118 -15.66 10.44 2.17
N GLN A 119 -16.91 10.59 1.77
CA GLN A 119 -17.48 11.86 1.33
C GLN A 119 -16.58 12.60 0.33
N PRO A 120 -16.29 11.99 -0.82
CA PRO A 120 -15.38 12.62 -1.78
C PRO A 120 -16.08 13.66 -2.63
N THR A 121 -15.32 14.69 -3.00
CA THR A 121 -15.84 15.71 -3.90
C THR A 121 -15.59 15.35 -5.36
N VAL A 122 -14.47 14.69 -5.63
CA VAL A 122 -14.11 14.31 -6.99
C VAL A 122 -13.80 12.82 -6.99
N VAL A 123 -14.31 12.11 -8.01
CA VAL A 123 -14.07 10.68 -8.17
C VAL A 123 -13.28 10.46 -9.45
N PHE A 124 -12.16 9.77 -9.33
CA PHE A 124 -11.44 9.19 -10.47
C PHE A 124 -11.86 7.74 -10.61
N VAL A 125 -12.25 7.34 -11.81
CA VAL A 125 -12.74 6.00 -12.03
C VAL A 125 -12.27 5.52 -13.40
N SER A 126 -11.99 4.23 -13.51
CA SER A 126 -11.77 3.60 -14.80
C SER A 126 -13.10 3.38 -15.53
N LYS A 127 -13.01 3.12 -16.84
CA LYS A 127 -14.24 3.01 -17.65
C LYS A 127 -15.22 1.99 -17.09
N LYS A 128 -14.72 0.84 -16.66
CA LYS A 128 -15.63 -0.25 -16.33
C LYS A 128 -16.23 -0.09 -14.94
N GLY A 129 -15.78 0.90 -14.18
CA GLY A 129 -16.45 1.28 -12.95
C GLY A 129 -17.36 2.49 -13.06
N LEU A 130 -17.47 3.13 -14.24
CA LEU A 130 -18.15 4.42 -14.33
C LEU A 130 -19.62 4.32 -13.93
N GLN A 131 -20.35 3.34 -14.48
CA GLN A 131 -21.79 3.27 -14.26
C GLN A 131 -22.12 3.06 -12.78
N LYS A 132 -21.24 2.38 -12.05
CA LYS A 132 -21.45 2.23 -10.61
C LYS A 132 -21.20 3.55 -9.88
N ILE A 133 -20.16 4.27 -10.26
CA ILE A 133 -19.91 5.59 -9.68
C ILE A 133 -21.09 6.53 -9.98
N LEU A 134 -21.62 6.48 -11.21
CA LEU A 134 -22.81 7.26 -11.54
C LEU A 134 -23.96 6.92 -10.61
N ASN A 135 -24.18 5.65 -10.33
CA ASN A 135 -25.27 5.30 -9.45
C ASN A 135 -24.99 5.71 -8.01
N VAL A 136 -23.73 5.61 -7.55
CA VAL A 136 -23.41 6.10 -6.22
C VAL A 136 -23.66 7.61 -6.13
N GLN A 137 -23.40 8.34 -7.24
CA GLN A 137 -23.55 9.79 -7.24
C GLN A 137 -25.01 10.21 -7.03
N LYS A 138 -25.94 9.45 -7.61
CA LYS A 138 -27.37 9.69 -7.36
C LYS A 138 -27.69 9.78 -5.88
N LYS A 139 -27.07 8.94 -5.06
CA LYS A 139 -27.33 8.92 -3.63
C LYS A 139 -26.35 9.76 -2.83
N LEU A 140 -25.24 10.17 -3.42
CA LEU A 140 -24.26 11.02 -2.74
C LEU A 140 -23.84 12.11 -3.70
N PRO A 141 -24.66 13.16 -3.89
CA PRO A 141 -24.31 14.21 -4.85
C PRO A 141 -23.17 15.12 -4.39
N ILE A 142 -22.61 14.91 -3.20
CA ILE A 142 -21.34 15.55 -2.87
C ILE A 142 -20.31 15.27 -3.96
N ILE A 143 -20.45 14.13 -4.64
CA ILE A 143 -19.68 13.82 -5.83
C ILE A 143 -20.11 14.78 -6.95
N GLN A 144 -19.25 15.76 -7.26
CA GLN A 144 -19.64 16.77 -8.24
C GLN A 144 -18.86 16.67 -9.55
N LYS A 145 -17.79 15.89 -9.60
CA LYS A 145 -16.94 15.80 -10.77
C LYS A 145 -16.42 14.35 -10.86
N ILE A 146 -16.61 13.74 -12.03
CA ILE A 146 -16.16 12.36 -12.29
C ILE A 146 -15.13 12.43 -13.40
N ILE A 147 -13.99 11.77 -13.21
CA ILE A 147 -12.87 11.84 -14.13
C ILE A 147 -12.49 10.43 -14.53
N ILE A 148 -12.34 10.19 -15.84
CA ILE A 148 -12.05 8.86 -16.38
C ILE A 148 -10.54 8.67 -16.40
N MET A 149 -10.08 7.53 -15.87
CA MET A 149 -8.66 7.28 -15.69
C MET A 149 -8.00 6.67 -16.92
N ASP A 150 -8.63 5.69 -17.55
CA ASP A 150 -7.96 4.97 -18.63
C ASP A 150 -8.47 5.42 -19.98
N SER A 151 -8.46 6.73 -20.16
CA SER A 151 -8.80 7.35 -21.44
C SER A 151 -7.85 8.50 -21.66
N LYS A 152 -7.65 8.86 -22.92
CA LYS A 152 -6.92 10.07 -23.23
C LYS A 152 -7.89 11.21 -23.59
N THR A 153 -8.83 10.95 -24.48
CA THR A 153 -9.92 11.87 -24.79
C THR A 153 -11.04 11.76 -23.74
N ASP A 154 -12.01 12.67 -23.83
CA ASP A 154 -13.21 12.53 -23.00
C ASP A 154 -13.87 11.18 -23.28
N TYR A 155 -14.56 10.65 -22.29
CA TYR A 155 -15.23 9.37 -22.42
C TYR A 155 -16.67 9.54 -21.93
N GLN A 156 -17.62 9.25 -22.80
CA GLN A 156 -19.06 9.28 -22.47
C GLN A 156 -19.41 10.56 -21.73
N GLY A 157 -18.92 11.69 -22.28
CA GLY A 157 -19.21 13.02 -21.78
C GLY A 157 -18.37 13.49 -20.62
N PHE A 158 -17.55 12.62 -20.03
CA PHE A 158 -16.76 12.93 -18.84
C PHE A 158 -15.33 13.24 -19.26
N GLN A 159 -14.67 14.12 -18.51
CA GLN A 159 -13.27 14.41 -18.82
C GLN A 159 -12.37 13.23 -18.46
N SER A 160 -11.32 13.06 -19.25
CA SER A 160 -10.25 12.18 -18.83
C SER A 160 -9.31 12.93 -17.88
N MET A 161 -8.33 12.20 -17.33
CA MET A 161 -7.34 12.86 -16.50
C MET A 161 -6.59 13.90 -17.33
N TYR A 162 -6.34 13.57 -18.60
CA TYR A 162 -5.54 14.42 -19.47
C TYR A 162 -6.30 15.67 -19.90
N THR A 163 -7.58 15.53 -20.30
CA THR A 163 -8.38 16.72 -20.59
C THR A 163 -8.75 17.48 -19.33
N PHE A 164 -8.91 16.81 -18.19
CA PHE A 164 -9.14 17.58 -16.97
C PHE A 164 -7.94 18.44 -16.62
N VAL A 165 -6.75 17.89 -16.81
CA VAL A 165 -5.54 18.62 -16.45
C VAL A 165 -5.41 19.90 -17.28
N THR A 166 -5.67 19.81 -18.60
CA THR A 166 -5.48 20.98 -19.46
C THR A 166 -6.59 22.00 -19.29
N SER A 167 -7.71 21.60 -18.67
CA SER A 167 -8.78 22.52 -18.31
C SER A 167 -8.42 23.42 -17.15
N HIS A 168 -7.44 23.02 -16.31
CA HIS A 168 -7.17 23.79 -15.10
C HIS A 168 -5.72 24.18 -14.88
N LEU A 169 -4.79 23.74 -15.70
CA LEU A 169 -3.42 24.21 -15.55
C LEU A 169 -3.33 25.68 -15.97
N PRO A 170 -2.52 26.48 -15.27
CA PRO A 170 -2.30 27.86 -15.71
C PRO A 170 -1.41 27.89 -16.94
N PRO A 171 -1.40 28.99 -17.68
CA PRO A 171 -0.50 29.09 -18.84
C PRO A 171 0.96 29.00 -18.40
N GLY A 172 1.76 28.33 -19.22
CA GLY A 172 3.19 28.18 -18.95
C GLY A 172 3.51 27.36 -17.72
N PHE A 173 2.62 26.46 -17.32
CA PHE A 173 2.90 25.61 -16.16
C PHE A 173 4.15 24.79 -16.43
N ASN A 174 5.03 24.72 -15.45
CA ASN A 174 6.27 23.96 -15.58
C ASN A 174 6.29 22.82 -14.57
N GLU A 175 6.31 21.57 -15.06
CA GLU A 175 6.23 20.42 -14.16
C GLU A 175 7.42 20.31 -13.22
N TYR A 176 8.57 20.89 -13.58
CA TYR A 176 9.78 20.79 -12.77
C TYR A 176 10.03 22.00 -11.88
N ASP A 177 9.21 23.05 -11.97
CA ASP A 177 9.21 24.15 -11.00
C ASP A 177 8.16 23.94 -9.91
N PHE A 178 7.22 23.02 -10.11
CA PHE A 178 6.13 22.81 -9.18
C PHE A 178 6.70 22.41 -7.83
N VAL A 179 6.14 22.99 -6.76
CA VAL A 179 6.54 22.69 -5.40
C VAL A 179 5.33 22.08 -4.69
N PRO A 180 5.44 20.86 -4.18
CA PRO A 180 4.31 20.27 -3.46
C PRO A 180 4.00 21.07 -2.20
N GLU A 181 2.72 21.05 -1.82
CA GLU A 181 2.30 21.76 -0.62
C GLU A 181 3.05 21.26 0.59
N SER A 182 3.27 22.16 1.55
CA SER A 182 3.83 21.84 2.85
C SER A 182 2.73 22.01 3.89
N PHE A 183 2.65 21.07 4.83
CA PHE A 183 1.59 21.08 5.83
C PHE A 183 1.96 20.16 6.97
N ASP A 184 1.15 20.22 8.02
CA ASP A 184 1.32 19.40 9.23
C ASP A 184 1.07 17.93 8.89
N ARG A 185 2.14 17.14 8.91
CA ARG A 185 2.08 15.71 8.53
C ARG A 185 1.30 14.87 9.54
N ASP A 186 1.09 15.38 10.76
CA ASP A 186 0.39 14.64 11.80
C ASP A 186 -1.12 14.79 11.72
N LYS A 187 -1.61 15.95 11.25
CA LYS A 187 -3.03 16.24 11.21
C LYS A 187 -3.63 16.14 9.81
N THR A 188 -2.83 16.18 8.76
CA THR A 188 -3.33 16.09 7.40
C THR A 188 -3.46 14.63 7.00
N ILE A 189 -4.69 14.20 6.71
CA ILE A 189 -4.94 12.81 6.35
C ILE A 189 -4.44 12.55 4.94
N ALA A 190 -3.61 11.53 4.79
CA ALA A 190 -3.10 11.07 3.50
C ALA A 190 -4.03 10.06 2.83
N LEU A 191 -4.46 9.04 3.56
CA LEU A 191 -5.34 8.03 3.00
C LEU A 191 -6.47 7.69 3.96
N ILE A 192 -7.63 7.39 3.38
CA ILE A 192 -8.76 6.79 4.10
C ILE A 192 -8.97 5.40 3.51
N MET A 193 -8.61 4.37 4.26
CA MET A 193 -8.67 2.98 3.83
C MET A 193 -9.89 2.27 4.42
N ASN A 194 -10.37 1.25 3.74
CA ASN A 194 -11.51 0.47 4.24
C ASN A 194 -11.02 -0.64 5.16
N SER A 195 -11.64 -0.75 6.33
CA SER A 195 -11.35 -1.84 7.26
C SER A 195 -11.88 -3.17 6.74
N SER A 196 -11.38 -4.25 7.34
CA SER A 196 -11.70 -5.64 6.99
C SER A 196 -13.18 -5.93 6.69
N LEU A 201 -19.92 -4.18 8.92
CA LEU A 201 -19.59 -3.34 7.76
C LEU A 201 -18.27 -2.59 7.96
N PRO A 202 -17.49 -2.49 6.88
CA PRO A 202 -16.20 -1.80 6.96
C PRO A 202 -16.33 -0.35 7.40
N LYS A 203 -15.29 0.10 8.12
CA LYS A 203 -15.11 1.45 8.63
C LYS A 203 -14.07 2.17 7.78
N GLY A 204 -14.08 3.51 7.85
CA GLY A 204 -13.05 4.30 7.18
C GLY A 204 -11.89 4.49 8.13
N VAL A 205 -10.68 4.31 7.63
CA VAL A 205 -9.48 4.34 8.47
C VAL A 205 -8.59 5.49 8.00
N ALA A 206 -8.54 6.58 8.78
CA ALA A 206 -7.81 7.79 8.42
C ALA A 206 -6.33 7.65 8.78
N LEU A 207 -5.46 7.77 7.78
CA LEU A 207 -4.02 7.58 7.96
C LEU A 207 -3.29 8.88 7.69
N PRO A 208 -2.74 9.54 8.71
CA PRO A 208 -2.02 10.80 8.47
C PRO A 208 -0.76 10.58 7.65
N HIS A 209 -0.32 11.65 6.98
CA HIS A 209 0.89 11.60 6.18
C HIS A 209 2.05 11.00 6.95
N ARG A 210 2.14 11.29 8.26
CA ARG A 210 3.23 10.74 9.07
C ARG A 210 3.31 9.22 8.96
N THR A 211 2.18 8.52 8.92
CA THR A 211 2.28 7.06 8.90
C THR A 211 2.87 6.56 7.59
N ALA A 212 2.69 7.31 6.49
CA ALA A 212 3.34 6.90 5.24
C ALA A 212 4.83 7.23 5.26
N CYS A 213 5.21 8.36 5.87
CA CYS A 213 6.63 8.69 5.97
C CYS A 213 7.39 7.64 6.77
N VAL A 214 6.75 7.06 7.80
CA VAL A 214 7.37 5.95 8.54
C VAL A 214 7.47 4.72 7.65
N ARG A 215 6.39 4.41 6.92
CA ARG A 215 6.43 3.30 5.97
C ARG A 215 7.59 3.44 5.00
N PHE A 216 7.87 4.68 4.57
CA PHE A 216 8.95 4.89 3.61
C PHE A 216 10.31 4.65 4.23
N SER A 217 10.45 4.85 5.55
CA SER A 217 11.68 4.45 6.21
C SER A 217 11.85 2.94 6.10
N HIS A 218 10.77 2.19 6.40
CA HIS A 218 10.85 0.74 6.30
C HIS A 218 11.14 0.28 4.88
N ALA A 219 10.55 0.95 3.91
CA ALA A 219 10.68 0.52 2.55
C ALA A 219 12.10 0.54 2.03
N ARG A 220 12.89 1.50 2.47
CA ARG A 220 14.25 1.63 2.00
C ARG A 220 15.27 0.96 2.90
N ASP A 221 14.83 0.50 4.06
CA ASP A 221 15.69 -0.14 5.03
C ASP A 221 16.26 -1.41 4.48
N PRO A 222 17.57 -1.58 4.53
CA PRO A 222 18.17 -2.82 4.03
C PRO A 222 17.71 -4.07 4.77
N ILE A 223 17.27 -3.95 6.02
CA ILE A 223 16.88 -5.12 6.81
C ILE A 223 15.37 -5.35 6.70
N PHE A 224 14.60 -4.30 6.87
CA PHE A 224 13.14 -4.40 6.94
C PHE A 224 12.45 -4.07 5.63
N GLY A 225 13.19 -3.81 4.55
CA GLY A 225 12.58 -3.54 3.27
C GLY A 225 13.40 -4.11 2.13
N ASN A 226 13.67 -3.30 1.12
CA ASN A 226 14.50 -3.70 -0.01
C ASN A 226 15.64 -2.70 -0.14
N GLN A 227 16.86 -3.22 -0.32
CA GLN A 227 18.00 -2.38 -0.68
C GLN A 227 17.72 -1.66 -2.00
N ILE A 228 17.83 -0.33 -2.00
CA ILE A 228 17.70 0.43 -3.24
C ILE A 228 18.84 0.05 -4.17
N ILE A 229 18.56 -0.84 -5.14
CA ILE A 229 19.57 -1.36 -6.06
C ILE A 229 19.04 -1.13 -7.47
N PRO A 230 19.89 -0.65 -8.40
CA PRO A 230 19.38 -0.30 -9.73
C PRO A 230 18.91 -1.52 -10.50
N ASP A 231 17.93 -1.29 -11.36
CA ASP A 231 17.28 -2.33 -12.14
C ASP A 231 16.62 -3.38 -11.25
N THR A 232 16.13 -2.97 -10.09
CA THR A 232 15.29 -3.85 -9.27
C THR A 232 13.86 -3.79 -9.77
N ALA A 233 13.28 -4.94 -10.07
CA ALA A 233 11.90 -5.04 -10.51
C ALA A 233 11.10 -5.92 -9.55
N ILE A 234 9.89 -5.47 -9.24
CA ILE A 234 8.93 -6.15 -8.37
C ILE A 234 7.78 -6.61 -9.25
N LEU A 235 7.28 -7.84 -9.03
CA LEU A 235 6.02 -8.31 -9.61
C LEU A 235 5.00 -8.45 -8.47
N SER A 236 4.00 -7.59 -8.44
CA SER A 236 3.04 -7.58 -7.35
C SER A 236 1.66 -7.90 -7.89
N VAL A 237 0.97 -8.84 -7.23
CA VAL A 237 -0.38 -9.24 -7.60
C VAL A 237 -1.30 -8.93 -6.43
N VAL A 238 -1.16 -7.72 -5.89
CA VAL A 238 -1.83 -7.31 -4.66
C VAL A 238 -2.73 -6.14 -5.01
N PRO A 239 -3.99 -6.11 -4.58
CA PRO A 239 -4.86 -4.99 -4.90
C PRO A 239 -4.31 -3.69 -4.32
N PHE A 240 -4.28 -2.65 -5.16
CA PHE A 240 -3.77 -1.36 -4.70
C PHE A 240 -4.69 -0.70 -3.69
N HIS A 241 -5.97 -1.07 -3.68
CA HIS A 241 -6.97 -0.40 -2.84
C HIS A 241 -6.97 -0.89 -1.40
N HIS A 242 -6.14 -1.87 -1.04
CA HIS A 242 -5.95 -2.28 0.35
C HIS A 242 -4.53 -1.92 0.79
N GLY A 243 -4.32 -1.94 2.12
CA GLY A 243 -3.11 -1.37 2.68
C GLY A 243 -1.85 -2.13 2.29
N PHE A 244 -1.97 -3.43 2.04
CA PHE A 244 -0.82 -4.20 1.62
C PHE A 244 -0.30 -3.71 0.26
N GLY A 245 -1.20 -3.58 -0.72
CA GLY A 245 -0.83 -3.08 -2.02
C GLY A 245 -0.49 -1.60 -2.06
N MET A 246 -1.25 -0.78 -1.34
CA MET A 246 -1.06 0.67 -1.34
C MET A 246 0.35 1.04 -0.88
N PHE A 247 0.78 0.54 0.28
CA PHE A 247 2.01 1.03 0.89
C PHE A 247 3.24 0.21 0.53
N THR A 248 3.09 -0.95 -0.11
CA THR A 248 4.25 -1.52 -0.77
C THR A 248 4.54 -0.79 -2.09
N THR A 249 3.48 -0.44 -2.85
CA THR A 249 3.70 0.26 -4.12
C THR A 249 4.22 1.68 -3.91
N LEU A 250 3.64 2.42 -2.95
CA LEU A 250 4.18 3.75 -2.66
C LEU A 250 5.65 3.66 -2.24
N GLY A 251 6.02 2.59 -1.52
CA GLY A 251 7.41 2.43 -1.13
C GLY A 251 8.32 2.04 -2.28
N TYR A 252 7.82 1.21 -3.20
CA TYR A 252 8.60 0.88 -4.39
C TYR A 252 8.84 2.12 -5.24
N LEU A 253 7.87 3.02 -5.32
CA LEU A 253 8.07 4.28 -6.04
C LEU A 253 9.15 5.13 -5.36
N ILE A 254 9.15 5.17 -4.01
CA ILE A 254 10.15 5.92 -3.26
C ILE A 254 11.55 5.38 -3.55
N CYS A 255 11.67 4.07 -3.76
CA CYS A 255 12.92 3.40 -4.07
C CYS A 255 13.28 3.39 -5.54
N GLY A 256 12.40 3.89 -6.42
CA GLY A 256 12.70 3.89 -7.83
C GLY A 256 12.68 2.52 -8.48
N PHE A 257 11.89 1.59 -7.96
CA PHE A 257 11.82 0.24 -8.50
C PHE A 257 10.89 0.19 -9.72
N ARG A 258 11.02 -0.88 -10.50
CA ARG A 258 10.09 -1.19 -11.58
C ARG A 258 8.97 -2.07 -11.02
N VAL A 259 7.75 -1.57 -11.05
CA VAL A 259 6.59 -2.25 -10.48
C VAL A 259 5.82 -2.89 -11.64
N VAL A 260 6.03 -4.20 -11.82
CA VAL A 260 5.30 -4.99 -12.82
C VAL A 260 4.02 -5.48 -12.15
N LEU A 261 2.87 -5.21 -12.77
CA LEU A 261 1.63 -5.61 -12.17
C LEU A 261 0.83 -6.51 -13.11
N MET A 262 0.00 -7.36 -12.50
CA MET A 262 -1.08 -8.08 -13.16
C MET A 262 -2.31 -7.93 -12.29
N TYR A 263 -3.44 -7.65 -12.92
CA TYR A 263 -4.69 -7.53 -12.19
C TYR A 263 -5.61 -8.74 -12.38
N ARG A 264 -5.30 -9.64 -13.31
CA ARG A 264 -6.01 -10.91 -13.48
C ARG A 264 -4.98 -12.02 -13.37
N PHE A 265 -5.03 -12.78 -12.27
CA PHE A 265 -4.05 -13.84 -12.06
C PHE A 265 -4.14 -14.90 -13.15
N GLU A 266 -3.00 -15.22 -13.76
CA GLU A 266 -2.88 -16.39 -14.62
C GLU A 266 -1.54 -17.04 -14.34
N GLU A 267 -1.56 -18.37 -14.21
CA GLU A 267 -0.36 -19.13 -13.84
C GLU A 267 0.77 -18.90 -14.83
N GLU A 268 0.53 -19.13 -16.12
CA GLU A 268 1.60 -19.00 -17.10
C GLU A 268 2.10 -17.55 -17.19
N LEU A 269 1.18 -16.58 -17.30
CA LEU A 269 1.57 -15.18 -17.41
C LEU A 269 2.43 -14.76 -16.22
N PHE A 270 2.04 -15.18 -15.02
CA PHE A 270 2.80 -14.80 -13.82
C PHE A 270 4.21 -15.36 -13.87
N LEU A 271 4.34 -16.66 -14.10
CA LEU A 271 5.66 -17.30 -14.15
C LEU A 271 6.52 -16.75 -15.28
N ARG A 272 5.93 -16.51 -16.45
CA ARG A 272 6.68 -15.93 -17.57
C ARG A 272 7.05 -14.47 -17.28
N SER A 273 6.20 -13.74 -16.54
CA SER A 273 6.55 -12.37 -16.16
C SER A 273 7.69 -12.36 -15.15
N LEU A 274 7.71 -13.34 -14.24
CA LEU A 274 8.85 -13.53 -13.35
C LEU A 274 10.14 -13.69 -14.17
N GLN A 275 10.10 -14.56 -15.19
CA GLN A 275 11.27 -14.85 -16.00
C GLN A 275 11.66 -13.67 -16.90
N ASP A 276 10.71 -13.16 -17.71
CA ASP A 276 11.09 -12.22 -18.78
C ASP A 276 11.46 -10.86 -18.24
N TYR A 277 10.79 -10.40 -17.18
CA TYR A 277 11.08 -9.13 -16.54
C TYR A 277 12.15 -9.24 -15.46
N LYS A 278 12.76 -10.43 -15.29
CA LYS A 278 13.86 -10.66 -14.35
C LYS A 278 13.49 -10.15 -12.96
N ILE A 279 12.30 -10.55 -12.51
CA ILE A 279 11.80 -10.11 -11.23
C ILE A 279 12.74 -10.57 -10.11
N GLN A 280 13.11 -9.64 -9.23
CA GLN A 280 13.91 -9.96 -8.05
C GLN A 280 13.05 -10.35 -6.86
N SER A 281 11.83 -9.81 -6.79
CA SER A 281 10.95 -9.99 -5.65
C SER A 281 9.52 -10.06 -6.15
N ALA A 282 8.75 -11.02 -5.65
CA ALA A 282 7.37 -11.25 -6.05
C ALA A 282 6.45 -11.10 -4.86
N LEU A 283 5.30 -10.48 -5.08
CA LEU A 283 4.40 -10.05 -4.00
C LEU A 283 3.03 -10.70 -4.22
N LEU A 284 2.64 -11.60 -3.32
CA LEU A 284 1.41 -12.36 -3.47
C LEU A 284 0.53 -12.23 -2.23
N VAL A 285 -0.76 -12.40 -2.42
CA VAL A 285 -1.70 -12.57 -1.32
C VAL A 285 -1.61 -14.04 -0.93
N PRO A 286 -1.89 -14.43 0.33
CA PRO A 286 -1.64 -15.83 0.73
C PRO A 286 -2.37 -16.88 -0.09
N THR A 287 -3.55 -16.57 -0.67
CA THR A 287 -4.27 -17.59 -1.42
C THR A 287 -3.61 -17.91 -2.76
N LEU A 288 -2.77 -17.02 -3.27
CA LEU A 288 -1.96 -17.38 -4.43
C LEU A 288 -0.75 -18.21 -4.04
N PHE A 289 -0.30 -18.08 -2.79
CA PHE A 289 0.67 -19.00 -2.21
C PHE A 289 0.13 -20.42 -2.19
N SER A 290 -1.08 -20.59 -1.66
CA SER A 290 -1.72 -21.88 -1.72
C SER A 290 -1.78 -22.40 -3.16
N PHE A 291 -1.93 -21.49 -4.14
CA PHE A 291 -1.96 -21.90 -5.54
C PHE A 291 -0.62 -22.46 -6.00
N PHE A 292 0.46 -21.68 -5.84
CA PHE A 292 1.74 -22.12 -6.36
C PHE A 292 2.32 -23.31 -5.61
N ALA A 293 1.83 -23.62 -4.41
CA ALA A 293 2.14 -24.90 -3.78
C ALA A 293 1.77 -26.08 -4.69
N LYS A 294 0.73 -25.93 -5.53
CA LYS A 294 0.24 -26.98 -6.42
C LYS A 294 0.83 -26.89 -7.83
N SER A 295 1.51 -25.82 -8.17
CA SER A 295 1.98 -25.60 -9.53
C SER A 295 3.15 -26.51 -9.84
N THR A 296 3.10 -27.14 -11.01
CA THR A 296 4.18 -28.03 -11.43
C THR A 296 4.89 -27.50 -12.67
N LEU A 297 4.73 -26.21 -12.96
CA LEU A 297 5.32 -25.59 -14.14
C LEU A 297 6.51 -24.70 -13.82
N ILE A 298 6.81 -24.49 -12.55
CA ILE A 298 7.82 -23.50 -12.16
C ILE A 298 9.20 -23.84 -12.72
N ASP A 299 9.53 -25.12 -12.81
CA ASP A 299 10.83 -25.56 -13.33
C ASP A 299 11.02 -25.25 -14.81
N LYS A 300 9.95 -25.01 -15.56
CA LYS A 300 10.12 -24.66 -16.97
C LYS A 300 10.70 -23.26 -17.19
N TYR A 301 10.73 -22.40 -16.15
CA TYR A 301 11.08 -21.00 -16.31
C TYR A 301 12.43 -20.70 -15.69
N ASP A 302 13.05 -19.60 -16.15
CA ASP A 302 14.35 -19.14 -15.68
C ASP A 302 14.13 -18.09 -14.59
N LEU A 303 14.08 -18.55 -13.33
CA LEU A 303 13.81 -17.68 -12.19
C LEU A 303 15.06 -17.39 -11.38
N SER A 304 16.22 -17.33 -12.03
CA SER A 304 17.46 -17.21 -11.28
C SER A 304 17.61 -15.83 -10.66
N ASN A 305 16.96 -14.81 -11.24
CA ASN A 305 16.96 -13.50 -10.63
C ASN A 305 16.06 -13.42 -9.41
N LEU A 306 15.19 -14.40 -9.22
CA LEU A 306 14.25 -14.36 -8.10
C LEU A 306 15.01 -14.53 -6.80
N HIS A 307 15.03 -13.47 -5.99
CA HIS A 307 15.66 -13.51 -4.68
C HIS A 307 14.66 -13.69 -3.54
N GLU A 308 13.42 -13.21 -3.67
CA GLU A 308 12.48 -13.43 -2.58
C GLU A 308 11.05 -13.49 -3.09
N ILE A 309 10.23 -14.25 -2.37
CA ILE A 309 8.78 -14.31 -2.54
C ILE A 309 8.16 -13.93 -1.22
N ALA A 310 7.21 -12.98 -1.25
CA ALA A 310 6.69 -12.36 -0.05
C ALA A 310 5.18 -12.50 0.01
N SER A 311 4.68 -12.57 1.24
CA SER A 311 3.27 -12.76 1.52
C SER A 311 2.88 -11.82 2.66
N GLY A 312 1.62 -11.40 2.65
CA GLY A 312 1.08 -10.69 3.80
C GLY A 312 -0.42 -10.58 3.70
N GLY A 313 -1.03 -10.05 4.77
CA GLY A 313 -2.41 -9.64 4.76
C GLY A 313 -3.43 -10.68 5.19
N ALA A 314 -3.03 -11.93 5.39
CA ALA A 314 -3.95 -13.00 5.77
C ALA A 314 -3.12 -14.18 6.25
N PRO A 315 -3.73 -15.13 6.98
CA PRO A 315 -2.93 -16.27 7.50
C PRO A 315 -2.21 -17.06 6.40
N LEU A 316 -0.95 -17.38 6.65
CA LEU A 316 -0.18 -18.29 5.83
C LEU A 316 0.39 -19.36 6.73
N SER A 317 0.02 -20.61 6.49
CA SER A 317 0.55 -21.72 7.28
C SER A 317 2.05 -21.85 7.06
N LYS A 318 2.72 -22.41 8.06
CA LYS A 318 4.14 -22.75 7.93
C LYS A 318 4.34 -23.78 6.83
N GLU A 319 3.42 -24.74 6.70
CA GLU A 319 3.58 -25.80 5.72
C GLU A 319 3.43 -25.27 4.30
N VAL A 320 2.40 -24.43 4.06
CA VAL A 320 2.26 -23.81 2.74
C VAL A 320 3.48 -22.95 2.42
N GLY A 321 3.93 -22.15 3.39
CA GLY A 321 5.15 -21.38 3.19
C GLY A 321 6.33 -22.22 2.74
N GLU A 322 6.60 -23.32 3.47
CA GLU A 322 7.73 -24.17 3.12
C GLU A 322 7.52 -24.84 1.77
N ALA A 323 6.28 -25.21 1.45
CA ALA A 323 5.99 -25.85 0.17
C ALA A 323 6.28 -24.93 -1.00
N VAL A 324 5.86 -23.66 -0.91
CA VAL A 324 6.14 -22.66 -1.94
C VAL A 324 7.64 -22.38 -2.04
N ALA A 325 8.31 -22.24 -0.89
CA ALA A 325 9.76 -21.99 -0.90
C ALA A 325 10.49 -23.07 -1.67
N LYS A 326 10.11 -24.34 -1.42
CA LYS A 326 10.69 -25.45 -2.18
C LYS A 326 10.37 -25.35 -3.67
N ARG A 327 9.09 -25.16 -4.02
CA ARG A 327 8.72 -25.01 -5.43
C ARG A 327 9.58 -24.00 -6.15
N PHE A 328 9.96 -22.89 -5.49
CA PHE A 328 10.75 -21.82 -6.08
C PHE A 328 12.24 -21.88 -5.74
N HIS A 329 12.70 -22.97 -5.11
CA HIS A 329 14.13 -23.17 -4.82
C HIS A 329 14.73 -21.99 -4.07
N LEU A 330 13.99 -21.51 -3.04
CA LEU A 330 14.40 -20.43 -2.16
C LEU A 330 14.60 -20.94 -0.74
N PRO A 331 15.51 -20.33 0.04
CA PRO A 331 15.70 -20.78 1.43
C PRO A 331 14.43 -20.69 2.26
N GLY A 332 13.63 -19.65 2.04
CA GLY A 332 12.41 -19.48 2.80
C GLY A 332 11.52 -18.42 2.18
N ILE A 333 10.58 -17.95 2.98
CA ILE A 333 9.53 -17.04 2.56
C ILE A 333 9.69 -15.75 3.35
N ARG A 334 9.49 -14.62 2.67
CA ARG A 334 9.48 -13.33 3.33
C ARG A 334 8.05 -12.99 3.70
N GLN A 335 7.82 -12.53 4.92
CA GLN A 335 6.45 -12.35 5.36
C GLN A 335 6.30 -11.08 6.17
N GLY A 336 5.07 -10.58 6.23
CA GLY A 336 4.78 -9.42 7.04
C GLY A 336 3.36 -9.47 7.55
N TYR A 337 3.15 -8.87 8.73
CA TYR A 337 1.86 -8.79 9.38
C TYR A 337 1.52 -7.33 9.71
N GLY A 338 0.26 -6.95 9.45
CA GLY A 338 -0.23 -5.64 9.81
C GLY A 338 -1.74 -5.62 9.68
N LEU A 339 -2.32 -4.47 10.07
CA LEU A 339 -3.75 -4.25 9.91
C LEU A 339 -3.94 -2.95 9.14
N THR A 340 -5.12 -2.79 8.56
CA THR A 340 -5.42 -1.52 7.91
C THR A 340 -5.20 -0.36 8.88
N GLU A 341 -5.63 -0.55 10.13
CA GLU A 341 -5.50 0.41 11.22
C GLU A 341 -4.06 0.65 11.63
N THR A 342 -3.12 -0.09 11.03
CA THR A 342 -1.70 -0.02 11.33
C THR A 342 -0.89 0.55 10.15
N THR A 343 -1.58 1.04 9.11
CA THR A 343 -1.04 1.51 7.84
C THR A 343 -0.48 0.35 7.03
N SER A 344 0.61 -0.22 7.47
CA SER A 344 1.32 -1.26 6.75
C SER A 344 1.79 -2.36 7.69
N ALA A 345 2.77 -3.15 7.29
CA ALA A 345 3.28 -4.19 8.15
C ALA A 345 4.05 -3.59 9.32
N ILE A 346 3.76 -4.08 10.53
CA ILE A 346 4.55 -3.74 11.71
C ILE A 346 5.35 -4.93 12.23
N LEU A 347 5.06 -6.14 11.76
CA LEU A 347 5.94 -7.29 11.94
C LEU A 347 6.40 -7.72 10.56
N ILE A 348 7.72 -7.80 10.37
CA ILE A 348 8.33 -8.05 9.06
C ILE A 348 9.49 -9.01 9.26
N THR A 349 9.54 -10.06 8.43
CA THR A 349 10.73 -10.90 8.28
C THR A 349 11.93 -10.03 7.89
N PRO A 350 12.93 -9.88 8.75
CA PRO A 350 14.15 -9.18 8.31
C PRO A 350 14.81 -9.96 7.18
N GLU A 351 15.56 -9.26 6.34
CA GLU A 351 16.18 -9.90 5.18
C GLU A 351 17.17 -10.99 5.59
N GLY A 352 16.97 -12.21 5.09
CA GLY A 352 17.82 -13.32 5.42
C GLY A 352 17.64 -13.91 6.81
N ASP A 353 16.93 -13.21 7.70
CA ASP A 353 16.59 -13.70 9.04
C ASP A 353 15.25 -14.42 9.06
N ASP A 354 14.98 -15.26 8.06
CA ASP A 354 13.67 -15.88 7.94
C ASP A 354 13.57 -17.18 8.73
N LYS A 355 12.37 -17.44 9.24
CA LYS A 355 12.06 -18.55 10.11
C LYS A 355 10.67 -19.02 9.72
N PRO A 356 10.50 -20.29 9.39
CA PRO A 356 9.19 -20.77 8.93
C PRO A 356 8.11 -20.58 10.01
N GLY A 357 6.89 -20.25 9.55
CA GLY A 357 5.79 -19.97 10.46
C GLY A 357 5.79 -18.59 11.07
N ALA A 358 6.93 -17.90 11.13
CA ALA A 358 6.99 -16.58 11.76
C ALA A 358 6.59 -15.48 10.78
N VAL A 359 5.92 -14.45 11.30
CA VAL A 359 5.58 -13.29 10.47
C VAL A 359 6.68 -12.26 10.45
N GLY A 360 7.66 -12.35 11.36
CA GLY A 360 8.78 -11.44 11.38
C GLY A 360 9.00 -10.87 12.76
N LYS A 361 9.66 -9.73 12.81
CA LYS A 361 10.00 -9.05 14.05
C LYS A 361 9.39 -7.66 14.02
N VAL A 362 9.32 -7.04 15.21
CA VAL A 362 8.82 -5.69 15.32
C VAL A 362 9.66 -4.75 14.46
N VAL A 363 8.99 -3.89 13.70
CA VAL A 363 9.70 -3.01 12.75
C VAL A 363 10.24 -1.81 13.49
N PRO A 364 11.27 -1.13 12.94
CA PRO A 364 11.71 0.15 13.50
C PRO A 364 10.54 1.06 13.82
N PHE A 365 10.68 1.80 14.94
CA PHE A 365 9.77 2.77 15.53
C PHE A 365 8.61 2.12 16.29
N PHE A 366 8.44 0.81 16.24
CA PHE A 366 7.31 0.17 16.87
C PHE A 366 7.73 -0.66 18.07
N GLU A 367 6.76 -0.93 18.94
CA GLU A 367 6.88 -1.92 19.98
C GLU A 367 5.66 -2.82 19.98
N ALA A 368 5.88 -4.09 20.32
CA ALA A 368 4.85 -5.10 20.36
C ALA A 368 4.97 -5.90 21.65
N LYS A 369 3.81 -6.33 22.15
CA LYS A 369 3.73 -7.18 23.32
C LYS A 369 2.58 -8.16 23.14
N VAL A 370 2.59 -9.20 23.97
CA VAL A 370 1.51 -10.19 24.05
C VAL A 370 0.94 -10.13 25.46
N VAL A 371 -0.38 -9.91 25.56
CA VAL A 371 -1.03 -9.71 26.85
C VAL A 371 -1.99 -10.87 27.13
N ASP A 372 -2.07 -11.24 28.41
CA ASP A 372 -2.95 -12.31 28.85
C ASP A 372 -4.41 -12.00 28.49
N LEU A 373 -5.11 -13.02 27.98
CA LEU A 373 -6.44 -12.82 27.40
C LEU A 373 -7.50 -12.47 28.44
N ASP A 374 -7.28 -12.82 29.71
CA ASP A 374 -8.20 -12.49 30.79
C ASP A 374 -7.84 -11.20 31.50
N THR A 375 -6.54 -10.96 31.69
CA THR A 375 -6.00 -9.89 32.52
C THR A 375 -5.68 -8.63 31.72
N GLY A 376 -4.79 -8.77 30.74
CA GLY A 376 -4.14 -7.65 30.10
C GLY A 376 -2.69 -7.49 30.50
N LYS A 377 -2.17 -8.40 31.31
CA LYS A 377 -0.80 -8.29 31.80
C LYS A 377 0.20 -8.83 30.78
N THR A 378 1.39 -8.26 30.78
CA THR A 378 2.39 -8.57 29.77
C THR A 378 2.98 -9.95 30.02
N LEU A 379 2.89 -10.82 29.02
CA LEU A 379 3.41 -12.18 29.05
C LEU A 379 4.84 -12.24 28.52
N GLY A 380 5.53 -13.32 28.85
CA GLY A 380 6.91 -13.54 28.44
C GLY A 380 7.01 -14.46 27.26
N VAL A 381 8.22 -15.00 27.03
CA VAL A 381 8.49 -15.81 25.85
C VAL A 381 7.48 -16.94 25.72
N ASN A 382 7.01 -17.16 24.50
CA ASN A 382 6.29 -18.36 24.08
C ASN A 382 4.87 -18.42 24.65
N GLN A 383 4.60 -17.58 25.63
CA GLN A 383 3.25 -17.51 26.18
C GLN A 383 2.30 -16.93 25.14
N ARG A 384 1.13 -17.55 25.01
CA ARG A 384 0.17 -17.12 24.03
C ARG A 384 -0.85 -16.15 24.64
N GLY A 385 -1.22 -15.15 23.85
CA GLY A 385 -2.11 -14.11 24.30
C GLY A 385 -2.42 -13.16 23.16
N GLU A 386 -2.85 -11.95 23.50
CA GLU A 386 -3.26 -11.04 22.44
C GLU A 386 -2.09 -10.16 22.01
N LEU A 387 -1.94 -10.01 20.68
CA LEU A 387 -0.93 -9.13 20.11
C LEU A 387 -1.35 -7.67 20.24
N CYS A 388 -0.51 -6.87 20.88
CA CYS A 388 -0.70 -5.44 21.02
C CYS A 388 0.49 -4.71 20.41
N VAL A 389 0.23 -3.59 19.73
CA VAL A 389 1.32 -2.87 19.09
C VAL A 389 1.14 -1.38 19.29
N ARG A 390 2.27 -0.67 19.29
CA ARG A 390 2.27 0.77 19.46
C ARG A 390 3.39 1.36 18.61
N GLY A 391 3.08 2.42 17.87
CA GLY A 391 4.07 3.05 17.02
C GLY A 391 3.47 4.13 16.16
N PRO A 392 4.30 4.84 15.40
CA PRO A 392 3.83 6.04 14.69
C PRO A 392 3.04 5.76 13.42
N MET A 393 2.80 4.49 13.05
CA MET A 393 1.95 4.18 11.91
C MET A 393 0.51 3.83 12.29
N ILE A 394 0.18 3.83 13.59
CA ILE A 394 -1.20 3.65 14.01
C ILE A 394 -2.07 4.77 13.44
N MET A 395 -3.26 4.40 12.98
CA MET A 395 -4.20 5.37 12.43
C MET A 395 -4.56 6.42 13.46
N SER A 396 -5.03 7.57 12.98
CA SER A 396 -5.51 8.57 13.91
C SER A 396 -6.91 8.23 14.44
N GLY A 397 -7.64 7.35 13.76
CA GLY A 397 -8.96 6.96 14.22
C GLY A 397 -9.83 6.58 13.05
N TYR A 398 -10.94 5.92 13.37
CA TYR A 398 -11.95 5.61 12.36
C TYR A 398 -12.77 6.86 12.06
N VAL A 399 -13.16 7.01 10.79
CA VAL A 399 -13.77 8.25 10.34
C VAL A 399 -15.17 8.37 10.90
N ASN A 400 -15.40 9.41 11.72
CA ASN A 400 -16.69 9.66 12.37
C ASN A 400 -17.20 8.43 13.12
N ASN A 401 -16.29 7.78 13.84
CA ASN A 401 -16.63 6.63 14.69
C ASN A 401 -15.66 6.60 15.86
N PRO A 402 -15.77 7.57 16.78
CA PRO A 402 -14.82 7.63 17.90
C PRO A 402 -14.98 6.51 18.91
N GLU A 403 -16.15 5.86 18.96
CA GLU A 403 -16.28 4.77 19.91
C GLU A 403 -15.54 3.53 19.43
N ALA A 404 -15.73 3.18 18.16
CA ALA A 404 -15.00 2.06 17.58
C ALA A 404 -13.51 2.29 17.64
N THR A 405 -13.08 3.55 17.57
CA THR A 405 -11.65 3.84 17.70
C THR A 405 -11.17 3.50 19.10
N ASN A 406 -11.93 3.91 20.12
CA ASN A 406 -11.45 3.76 21.50
C ASN A 406 -11.55 2.31 21.98
N ALA A 407 -12.48 1.54 21.44
CA ALA A 407 -12.51 0.10 21.74
C ALA A 407 -11.22 -0.58 21.32
N LEU A 408 -10.52 -0.02 20.32
CA LEU A 408 -9.37 -0.65 19.71
C LEU A 408 -8.04 -0.13 20.21
N ILE A 409 -7.98 1.14 20.60
CA ILE A 409 -6.76 1.83 21.02
C ILE A 409 -7.02 2.45 22.40
N ASP A 410 -6.33 1.97 23.41
CA ASP A 410 -6.51 2.48 24.77
C ASP A 410 -5.83 3.84 24.91
N LYS A 411 -6.10 4.53 26.02
CA LYS A 411 -5.62 5.89 26.21
C LYS A 411 -4.10 6.00 26.12
N ASP A 412 -3.35 4.91 26.32
CA ASP A 412 -1.90 4.94 26.24
C ASP A 412 -1.37 4.55 24.87
N GLY A 413 -2.26 4.37 23.89
CA GLY A 413 -1.86 4.19 22.51
C GLY A 413 -1.53 2.78 22.08
N TRP A 414 -1.85 1.76 22.86
CA TRP A 414 -1.69 0.39 22.40
C TRP A 414 -2.88 -0.01 21.53
N LEU A 415 -2.60 -0.65 20.40
CA LEU A 415 -3.64 -1.16 19.52
C LEU A 415 -3.83 -2.64 19.83
N HIS A 416 -5.07 -3.01 20.18
CA HIS A 416 -5.45 -4.39 20.52
C HIS A 416 -5.90 -5.09 19.24
N SER A 417 -5.01 -5.89 18.65
CA SER A 417 -5.20 -6.42 17.31
C SER A 417 -6.30 -7.48 17.21
N GLY A 418 -6.77 -8.03 18.33
CA GLY A 418 -7.68 -9.15 18.21
C GLY A 418 -7.08 -10.41 17.63
N ASP A 419 -5.76 -10.52 17.58
CA ASP A 419 -5.07 -11.72 17.15
C ASP A 419 -4.31 -12.35 18.31
N ILE A 420 -4.21 -13.68 18.28
CA ILE A 420 -3.42 -14.40 19.28
C ILE A 420 -2.01 -14.63 18.72
N ALA A 421 -1.00 -14.28 19.50
CA ALA A 421 0.37 -14.41 19.04
C ALA A 421 1.29 -14.82 20.17
N TYR A 422 2.54 -15.08 19.82
CA TYR A 422 3.61 -15.28 20.77
C TYR A 422 4.91 -14.94 20.06
N TRP A 423 5.91 -14.49 20.82
CA TRP A 423 7.26 -14.33 20.30
C TRP A 423 8.17 -15.37 20.92
N ASP A 424 9.28 -15.68 20.24
CA ASP A 424 10.15 -16.74 20.69
C ASP A 424 11.46 -16.15 21.24
N GLU A 425 12.51 -16.98 21.31
CA GLU A 425 13.78 -16.61 21.94
C GLU A 425 14.59 -15.64 21.07
N ASP A 426 14.51 -15.78 19.75
CA ASP A 426 15.16 -14.84 18.86
C ASP A 426 14.27 -13.64 18.52
N GLU A 427 13.07 -13.57 19.10
CA GLU A 427 12.10 -12.46 19.02
C GLU A 427 11.25 -12.47 17.75
N HIS A 428 11.23 -13.56 17.00
CA HIS A 428 10.29 -13.71 15.91
C HIS A 428 8.88 -13.87 16.47
N PHE A 429 7.89 -13.27 15.81
CA PHE A 429 6.50 -13.39 16.23
C PHE A 429 5.78 -14.44 15.38
N PHE A 430 4.89 -15.18 16.01
CA PHE A 430 4.03 -16.16 15.34
C PHE A 430 2.59 -15.76 15.64
N ILE A 431 1.74 -15.84 14.63
CA ILE A 431 0.32 -15.53 14.82
C ILE A 431 -0.40 -16.87 14.95
N VAL A 432 -1.12 -17.05 16.04
CA VAL A 432 -1.85 -18.28 16.28
C VAL A 432 -3.24 -18.11 15.67
N ASP A 433 -3.57 -18.97 14.72
CA ASP A 433 -4.88 -18.95 14.10
C ASP A 433 -5.91 -19.53 15.06
N ARG A 434 -6.85 -18.69 15.50
CA ARG A 434 -8.09 -19.27 15.98
C ARG A 434 -8.84 -19.87 14.81
N LEU A 435 -9.76 -20.78 15.09
CA LEU A 435 -10.40 -21.42 13.96
C LEU A 435 -11.93 -21.37 14.03
#